data_6FRX
#
_entry.id   6FRX
#
_cell.length_a   58.743
_cell.length_b   77.784
_cell.length_c   96.484
_cell.angle_alpha   90.00
_cell.angle_beta   90.00
_cell.angle_gamma   90.00
#
_symmetry.space_group_name_H-M   'P 21 21 21'
#
loop_
_entity.id
_entity.type
_entity.pdbx_description
1 polymer 'cAMP-dependent protein kinase catalytic subunit alpha'
2 polymer 'cAMP-dependent protein kinase inhibitor alpha'
3 non-polymer ~{N}-[3-[(5-chloranyl-2-phenylazanyl-pyrimidin-4-yl)amino]phenyl]prop-2-enamide
4 water water
#
loop_
_entity_poly.entity_id
_entity_poly.type
_entity_poly.pdbx_seq_one_letter_code
_entity_poly.pdbx_strand_id
1 'polypeptide(L)'
;MGNAAAAKKGSEQESVKEFLAKAKEDFLKKWESPAQNTAHLDQFERIRTLGTGSFGRVMLVKHKETGNHYAMKILDKQKV
VKLKQIEHTLNEKRIQQAVNFPFLVKLEFSFKDNSNLYMVLEYAPGGEMFSHLRRIGRF(SEP)EPHARFYAAQIVLTFE
YLHSLDLIYRDLKPENLLIDQQGYIKVADFGFAKRVKGRTW(TPO)LCGTPEYLAPEIILSKGYNKAVDWWALGVLIYEM
AAGYPPFFADQPIQIYEKIVSGKVRFPSHFSSDLKDLLRNLLQVDLTKRFGNLKNGVNDIKNHKWFATTDWIAIYQRKVE
APFIPKFKGPGDTSNFDDYEEEEIRV(SEP)INEKCGKEFSEF
;
A
2 'polypeptide(L)' TTYADFIASGRTGRRNAIHD B
#
loop_
_chem_comp.id
_chem_comp.type
_chem_comp.name
_chem_comp.formula
E3Z non-polymer ~{N}-[3-[(5-chloranyl-2-phenylazanyl-pyrimidin-4-yl)amino]phenyl]prop-2-enamide 'C19 H16 Cl N5 O'
#
# COMPACT_ATOMS: atom_id res chain seq x y z
N GLN A 13 -15.44 -17.25 14.03
CA GLN A 13 -15.80 -17.66 12.67
C GLN A 13 -17.22 -17.25 12.31
N GLU A 14 -18.15 -17.41 13.27
CA GLU A 14 -19.55 -17.17 12.97
C GLU A 14 -19.85 -15.69 12.72
N SER A 15 -19.27 -14.79 13.52
CA SER A 15 -19.52 -13.37 13.33
C SER A 15 -18.63 -12.77 12.25
N VAL A 16 -17.39 -13.27 12.12
CA VAL A 16 -16.50 -12.81 11.07
C VAL A 16 -17.10 -13.08 9.69
N LYS A 17 -17.83 -14.21 9.55
CA LYS A 17 -18.52 -14.48 8.30
C LYS A 17 -19.58 -13.43 7.99
N GLU A 18 -20.34 -13.02 9.01
CA GLU A 18 -21.39 -12.03 8.77
C GLU A 18 -20.84 -10.61 8.64
N PHE A 19 -19.73 -10.31 9.32
CA PHE A 19 -19.06 -9.03 9.06
C PHE A 19 -18.66 -8.91 7.61
N LEU A 20 -17.99 -9.94 7.08
CA LEU A 20 -17.48 -9.89 5.71
C LEU A 20 -18.61 -9.91 4.68
N ALA A 21 -19.72 -10.59 4.97
CA ALA A 21 -20.83 -10.61 4.02
C ALA A 21 -21.48 -9.24 3.93
N LYS A 22 -21.55 -8.50 5.03
CA LYS A 22 -22.09 -7.15 4.97
C LYS A 22 -21.12 -6.21 4.28
N ALA A 23 -19.82 -6.35 4.58
CA ALA A 23 -18.81 -5.55 3.91
C ALA A 23 -18.84 -5.76 2.40
N LYS A 24 -19.07 -6.99 1.96
CA LYS A 24 -19.09 -7.26 0.53
C LYS A 24 -20.32 -6.64 -0.13
N GLU A 25 -21.45 -6.62 0.57
CA GLU A 25 -22.63 -5.96 0.04
C GLU A 25 -22.36 -4.47 -0.14
N ASP A 26 -21.79 -3.83 0.87
CA ASP A 26 -21.44 -2.41 0.76
C ASP A 26 -20.51 -2.16 -0.42
N PHE A 27 -19.48 -3.00 -0.56
CA PHE A 27 -18.48 -2.79 -1.60
C PHE A 27 -19.10 -2.95 -2.99
N LEU A 28 -19.88 -4.00 -3.20
CA LEU A 28 -20.42 -4.29 -4.53
C LEU A 28 -21.32 -3.18 -5.02
N LYS A 29 -22.11 -2.57 -4.13
CA LYS A 29 -22.99 -1.49 -4.58
C LYS A 29 -22.19 -0.29 -5.11
N LYS A 30 -21.08 0.03 -4.45
CA LYS A 30 -20.25 1.12 -4.94
C LYS A 30 -19.38 0.70 -6.12
N TRP A 31 -18.96 -0.55 -6.16
CA TRP A 31 -18.22 -1.06 -7.32
C TRP A 31 -19.07 -1.00 -8.59
N GLU A 32 -20.34 -1.34 -8.47
CA GLU A 32 -21.22 -1.36 -9.62
C GLU A 32 -21.74 0.01 -10.01
N SER A 33 -21.74 0.97 -9.10
CA SER A 33 -22.24 2.32 -9.36
C SER A 33 -21.27 3.34 -8.76
N PRO A 34 -20.10 3.52 -9.37
CA PRO A 34 -19.06 4.33 -8.74
C PRO A 34 -19.43 5.81 -8.68
N ALA A 35 -19.03 6.44 -7.58
CA ALA A 35 -19.13 7.89 -7.49
C ALA A 35 -18.17 8.53 -8.50
N GLN A 36 -18.61 9.64 -9.09
CA GLN A 36 -17.87 10.30 -10.16
C GLN A 36 -18.16 11.79 -10.09
N ASN A 37 -17.12 12.61 -10.23
CA ASN A 37 -17.26 14.08 -10.33
C ASN A 37 -17.95 14.67 -9.11
N THR A 38 -17.39 14.41 -7.93
CA THR A 38 -18.02 14.84 -6.68
C THR A 38 -17.38 16.08 -6.08
N ALA A 39 -16.49 16.75 -6.80
CA ALA A 39 -15.89 17.99 -6.32
C ALA A 39 -15.30 18.72 -7.53
N HIS A 40 -14.73 19.89 -7.27
CA HIS A 40 -14.03 20.69 -8.27
C HIS A 40 -12.81 21.31 -7.60
N LEU A 41 -11.78 21.58 -8.39
CA LEU A 41 -10.51 22.05 -7.84
C LEU A 41 -10.68 23.36 -7.05
N ASP A 42 -11.56 24.25 -7.49
CA ASP A 42 -11.70 25.55 -6.83
C ASP A 42 -12.29 25.43 -5.42
N GLN A 43 -12.82 24.27 -5.06
CA GLN A 43 -13.28 24.11 -3.69
C GLN A 43 -12.15 23.89 -2.71
N PHE A 44 -10.90 23.82 -3.17
CA PHE A 44 -9.78 23.45 -2.32
C PHE A 44 -8.66 24.48 -2.43
N GLU A 45 -7.91 24.62 -1.35
CA GLU A 45 -6.76 25.52 -1.36
C GLU A 45 -5.52 24.78 -0.87
N ARG A 46 -4.41 25.01 -1.57
CA ARG A 46 -3.16 24.34 -1.29
C ARG A 46 -2.59 24.80 0.06
N ILE A 47 -2.10 23.83 0.84
CA ILE A 47 -1.28 24.11 2.01
C ILE A 47 0.17 23.87 1.66
N ARG A 48 0.49 22.65 1.24
CA ARG A 48 1.86 22.30 0.91
C ARG A 48 1.84 21.04 0.06
N THR A 49 2.91 20.87 -0.71
CA THR A 49 3.13 19.63 -1.45
C THR A 49 3.70 18.57 -0.50
N LEU A 50 3.05 17.41 -0.45
CA LEU A 50 3.42 16.35 0.47
C LEU A 50 4.41 15.36 -0.12
N GLY A 51 4.39 15.19 -1.44
CA GLY A 51 5.26 14.22 -2.08
C GLY A 51 4.99 14.21 -3.56
N THR A 52 5.67 13.33 -4.26
CA THR A 52 5.50 13.19 -5.69
C THR A 52 5.26 11.72 -6.03
N GLY A 53 4.47 11.50 -7.08
CA GLY A 53 4.18 10.15 -7.54
C GLY A 53 4.60 9.97 -8.98
N SER A 54 4.28 8.81 -9.55
CA SER A 54 4.73 8.53 -10.91
C SER A 54 4.12 9.47 -11.93
N PHE A 55 2.86 9.88 -11.73
CA PHE A 55 2.17 10.73 -12.68
C PHE A 55 1.87 12.13 -12.16
N GLY A 56 2.42 12.52 -11.01
CA GLY A 56 2.12 13.83 -10.47
C GLY A 56 2.51 13.95 -9.01
N ARG A 57 1.76 14.80 -8.30
CA ARG A 57 2.10 15.20 -6.94
C ARG A 57 0.97 14.85 -5.99
N VAL A 58 1.31 14.84 -4.70
CA VAL A 58 0.31 14.77 -3.64
C VAL A 58 0.42 16.05 -2.82
N MET A 59 -0.70 16.75 -2.62
CA MET A 59 -0.70 18.01 -1.89
C MET A 59 -1.66 17.94 -0.71
N LEU A 60 -1.29 18.59 0.37
CA LEU A 60 -2.21 18.83 1.46
C LEU A 60 -3.08 20.01 1.09
N VAL A 61 -4.41 19.86 1.16
CA VAL A 61 -5.31 20.93 0.78
C VAL A 61 -6.33 21.11 1.90
N LYS A 62 -6.95 22.28 1.93
CA LYS A 62 -8.08 22.54 2.80
C LYS A 62 -9.30 22.80 1.95
N HIS A 63 -10.42 22.23 2.36
CA HIS A 63 -11.71 22.51 1.74
C HIS A 63 -12.16 23.90 2.18
N LYS A 64 -12.34 24.80 1.21
CA LYS A 64 -12.60 26.21 1.53
C LYS A 64 -13.85 26.37 2.38
N GLU A 65 -14.93 25.66 2.03
CA GLU A 65 -16.18 25.83 2.77
C GLU A 65 -16.13 25.15 4.15
N THR A 66 -15.75 23.87 4.21
CA THR A 66 -15.85 23.15 5.48
C THR A 66 -14.65 23.31 6.39
N GLY A 67 -13.47 23.63 5.86
CA GLY A 67 -12.27 23.67 6.67
C GLY A 67 -11.56 22.35 6.82
N ASN A 68 -12.11 21.26 6.29
CA ASN A 68 -11.46 19.96 6.43
C ASN A 68 -10.21 19.89 5.57
N HIS A 69 -9.22 19.14 6.04
CA HIS A 69 -7.99 18.95 5.31
C HIS A 69 -7.96 17.57 4.64
N TYR A 70 -7.33 17.52 3.48
CA TYR A 70 -7.25 16.30 2.69
C TYR A 70 -5.90 16.25 2.01
N ALA A 71 -5.50 15.04 1.64
CA ALA A 71 -4.41 14.85 0.69
C ALA A 71 -5.01 14.75 -0.70
N MET A 72 -4.49 15.52 -1.65
CA MET A 72 -4.99 15.52 -3.01
C MET A 72 -3.90 14.94 -3.91
N LYS A 73 -4.19 13.79 -4.51
CA LYS A 73 -3.32 13.19 -5.50
C LYS A 73 -3.71 13.71 -6.89
N ILE A 74 -2.74 14.29 -7.59
CA ILE A 74 -2.93 14.87 -8.92
C ILE A 74 -2.19 13.99 -9.92
N LEU A 75 -2.89 13.54 -10.95
CA LEU A 75 -2.30 12.69 -11.98
C LEU A 75 -2.43 13.39 -13.32
N ASP A 76 -1.29 13.57 -14.00
CA ASP A 76 -1.24 14.18 -15.32
C ASP A 76 -1.73 13.15 -16.34
N LYS A 77 -2.89 13.42 -16.96
CA LYS A 77 -3.51 12.43 -17.84
C LYS A 77 -2.57 12.00 -18.96
N GLN A 78 -1.81 12.96 -19.49
CA GLN A 78 -0.89 12.64 -20.58
C GLN A 78 0.26 11.75 -20.11
N LYS A 79 0.70 11.90 -18.87
CA LYS A 79 1.75 11.02 -18.37
C LYS A 79 1.23 9.61 -18.09
N VAL A 80 -0.07 9.48 -17.80
CA VAL A 80 -0.64 8.17 -17.50
C VAL A 80 -0.79 7.35 -18.77
N VAL A 81 -1.37 7.95 -19.81
CA VAL A 81 -1.48 7.28 -21.10
C VAL A 81 -0.09 6.88 -21.62
N LYS A 82 0.87 7.81 -21.53
CA LYS A 82 2.21 7.54 -22.05
C LYS A 82 2.84 6.36 -21.33
N LEU A 83 2.66 6.28 -20.02
CA LEU A 83 3.15 5.14 -19.26
C LEU A 83 2.19 3.95 -19.29
N LYS A 84 1.19 3.98 -20.18
CA LYS A 84 0.25 2.86 -20.39
C LYS A 84 -0.35 2.38 -19.07
N GLN A 85 -0.68 3.32 -18.21
CA GLN A 85 -1.23 3.01 -16.89
C GLN A 85 -2.70 3.37 -16.79
N ILE A 86 -3.40 3.43 -17.93
CA ILE A 86 -4.78 3.88 -17.93
C ILE A 86 -5.68 2.91 -17.17
N GLU A 87 -5.59 1.61 -17.49
CA GLU A 87 -6.49 0.69 -16.82
C GLU A 87 -6.18 0.59 -15.33
N HIS A 88 -4.90 0.69 -14.94
CA HIS A 88 -4.56 0.66 -13.52
C HIS A 88 -5.13 1.87 -12.79
N THR A 89 -5.11 3.04 -13.44
CA THR A 89 -5.64 4.25 -12.82
C THR A 89 -7.16 4.15 -12.68
N LEU A 90 -7.83 3.65 -13.72
CA LEU A 90 -9.26 3.38 -13.62
C LEU A 90 -9.56 2.36 -12.51
N ASN A 91 -8.76 1.28 -12.41
CA ASN A 91 -8.90 0.33 -11.30
C ASN A 91 -8.79 1.06 -9.97
N GLU A 92 -7.74 1.88 -9.83
CA GLU A 92 -7.40 2.52 -8.57
C GLU A 92 -8.58 3.32 -8.03
N LYS A 93 -9.16 4.16 -8.87
CA LYS A 93 -10.24 5.03 -8.39
C LYS A 93 -11.50 4.24 -8.11
N ARG A 94 -11.89 3.34 -9.02
CA ARG A 94 -13.12 2.58 -8.82
C ARG A 94 -13.06 1.73 -7.56
N ILE A 95 -11.91 1.13 -7.28
CA ILE A 95 -11.79 0.28 -6.10
C ILE A 95 -11.74 1.13 -4.84
N GLN A 96 -10.91 2.18 -4.85
CA GLN A 96 -10.69 2.89 -3.60
C GLN A 96 -11.94 3.61 -3.13
N GLN A 97 -12.76 4.11 -4.07
CA GLN A 97 -14.02 4.73 -3.67
C GLN A 97 -15.02 3.72 -3.12
N ALA A 98 -14.82 2.42 -3.34
CA ALA A 98 -15.78 1.40 -2.93
C ALA A 98 -15.40 0.66 -1.66
N VAL A 99 -14.16 0.77 -1.18
CA VAL A 99 -13.74 0.01 0.00
C VAL A 99 -13.96 0.86 1.24
N ASN A 100 -13.98 0.20 2.39
CA ASN A 100 -14.18 0.87 3.68
C ASN A 100 -13.63 -0.05 4.76
N PHE A 101 -12.55 0.38 5.42
CA PHE A 101 -11.88 -0.40 6.45
C PHE A 101 -11.02 0.56 7.27
N PRO A 102 -10.84 0.33 8.58
CA PRO A 102 -10.11 1.31 9.40
C PRO A 102 -8.70 1.60 8.93
N PHE A 103 -8.03 0.68 8.25
CA PHE A 103 -6.62 0.86 7.90
C PHE A 103 -6.41 1.18 6.42
N LEU A 104 -7.45 1.61 5.71
CA LEU A 104 -7.36 2.06 4.33
C LEU A 104 -7.66 3.55 4.27
N VAL A 105 -6.82 4.31 3.55
CA VAL A 105 -7.11 5.71 3.29
C VAL A 105 -8.41 5.82 2.50
N LYS A 106 -9.32 6.66 2.96
CA LYS A 106 -10.58 6.86 2.24
C LYS A 106 -10.39 7.77 1.04
N LEU A 107 -11.08 7.46 -0.06
CA LEU A 107 -11.17 8.39 -1.18
C LEU A 107 -12.44 9.20 -0.98
N GLU A 108 -12.28 10.47 -0.58
CA GLU A 108 -13.43 11.29 -0.20
C GLU A 108 -14.09 11.93 -1.41
N PHE A 109 -13.31 12.41 -2.39
CA PHE A 109 -13.85 13.00 -3.61
C PHE A 109 -12.94 12.66 -4.78
N SER A 110 -13.49 12.71 -5.99
CA SER A 110 -12.65 12.67 -7.17
C SER A 110 -13.28 13.49 -8.29
N PHE A 111 -12.42 13.91 -9.22
CA PHE A 111 -12.86 14.70 -10.36
C PHE A 111 -11.70 14.80 -11.33
N LYS A 112 -11.98 15.37 -12.50
CA LYS A 112 -10.96 15.61 -13.50
C LYS A 112 -11.21 16.97 -14.15
N ASP A 113 -10.16 17.54 -14.72
CA ASP A 113 -10.32 18.73 -15.56
C ASP A 113 -9.61 18.42 -16.88
N ASN A 114 -9.33 19.46 -17.66
CA ASN A 114 -8.76 19.24 -19.00
C ASN A 114 -7.45 18.46 -18.94
N SER A 115 -6.62 18.69 -17.92
CA SER A 115 -5.29 18.10 -17.91
C SER A 115 -5.10 16.94 -16.93
N ASN A 116 -5.78 16.95 -15.79
CA ASN A 116 -5.37 16.11 -14.68
C ASN A 116 -6.54 15.29 -14.16
N LEU A 117 -6.21 14.22 -13.46
CA LEU A 117 -7.14 13.52 -12.59
C LEU A 117 -6.83 13.91 -11.15
N TYR A 118 -7.88 14.03 -10.34
CA TYR A 118 -7.72 14.42 -8.93
C TYR A 118 -8.40 13.39 -8.03
N MET A 119 -7.65 12.90 -7.04
CA MET A 119 -8.21 12.04 -6.01
C MET A 119 -8.00 12.73 -4.67
N VAL A 120 -9.10 13.10 -4.03
CA VAL A 120 -9.06 13.80 -2.76
C VAL A 120 -9.20 12.76 -1.66
N LEU A 121 -8.13 12.57 -0.90
CA LEU A 121 -8.01 11.44 0.01
C LEU A 121 -7.95 11.90 1.46
N GLU A 122 -8.40 11.03 2.34
CA GLU A 122 -8.21 11.18 3.77
C GLU A 122 -6.75 11.48 4.10
N TYR A 123 -6.53 12.53 4.88
CA TYR A 123 -5.18 12.98 5.25
C TYR A 123 -4.70 12.21 6.48
N ALA A 124 -3.48 11.70 6.40
CA ALA A 124 -2.85 11.04 7.55
C ALA A 124 -1.76 11.95 8.08
N PRO A 125 -1.97 12.61 9.23
CA PRO A 125 -1.04 13.65 9.68
C PRO A 125 0.30 13.14 10.16
N GLY A 126 0.46 11.83 10.36
CA GLY A 126 1.73 11.31 10.82
C GLY A 126 2.75 11.03 9.75
N GLY A 127 2.37 11.15 8.48
CA GLY A 127 3.34 11.02 7.42
C GLY A 127 3.60 9.57 7.04
N GLU A 128 4.73 9.37 6.37
CA GLU A 128 5.06 8.10 5.72
C GLU A 128 5.76 7.16 6.69
N MET A 129 5.30 5.91 6.76
CA MET A 129 6.08 4.93 7.51
C MET A 129 7.49 4.80 6.93
N PHE A 130 7.63 4.98 5.62
CA PHE A 130 8.95 4.88 5.00
C PHE A 130 9.94 5.84 5.66
N SER A 131 9.54 7.10 5.84
CA SER A 131 10.41 8.10 6.47
C SER A 131 10.80 7.68 7.87
N HIS A 132 9.82 7.26 8.67
CA HIS A 132 10.11 6.87 10.04
C HIS A 132 11.03 5.67 10.10
N LEU A 133 10.82 4.70 9.22
CA LEU A 133 11.63 3.48 9.23
C LEU A 133 13.07 3.77 8.85
N ARG A 134 13.27 4.54 7.78
CA ARG A 134 14.63 4.87 7.38
C ARG A 134 15.32 5.72 8.44
N ARG A 135 14.61 6.67 9.02
CA ARG A 135 15.24 7.54 10.03
C ARG A 135 15.69 6.72 11.24
N ILE A 136 14.83 5.87 11.78
CA ILE A 136 15.23 5.17 13.01
C ILE A 136 16.02 3.91 12.75
N GLY A 137 16.04 3.43 11.50
CA GLY A 137 16.82 2.26 11.15
C GLY A 137 15.97 1.02 11.03
N ARG A 138 15.51 0.50 12.16
CA ARG A 138 14.64 -0.67 12.18
C ARG A 138 13.67 -0.57 13.36
N PHE A 139 12.58 -1.32 13.27
CA PHE A 139 11.60 -1.38 14.34
C PHE A 139 11.86 -2.60 15.21
N SEP A 140 11.51 -2.51 16.48
CA SEP A 140 11.57 -3.69 17.33
CB SEP A 140 11.31 -3.32 18.79
OG SEP A 140 9.97 -2.90 19.02
C SEP A 140 10.53 -4.69 16.83
O SEP A 140 9.62 -4.33 16.08
P SEP A 140 9.91 -2.36 20.58
O1P SEP A 140 10.77 -3.29 21.61
O2P SEP A 140 8.42 -2.35 21.20
O3P SEP A 140 10.52 -0.86 20.62
N GLU A 141 10.64 -5.96 17.22
CA GLU A 141 9.61 -6.90 16.80
C GLU A 141 8.20 -6.56 17.31
N PRO A 142 8.04 -6.11 18.57
CA PRO A 142 6.70 -5.69 19.00
C PRO A 142 6.13 -4.56 18.15
N HIS A 143 6.96 -3.57 17.80
CA HIS A 143 6.49 -2.46 16.97
C HIS A 143 6.21 -2.93 15.54
N ALA A 144 7.09 -3.74 14.97
CA ALA A 144 6.81 -4.32 13.66
C ALA A 144 5.55 -5.18 13.70
N ARG A 145 5.35 -5.94 14.77
CA ARG A 145 4.18 -6.79 14.92
C ARG A 145 2.90 -5.96 14.94
N PHE A 146 2.92 -4.83 15.65
CA PHE A 146 1.76 -3.95 15.70
C PHE A 146 1.34 -3.50 14.30
N TYR A 147 2.30 -3.10 13.46
CA TYR A 147 1.95 -2.67 12.11
C TYR A 147 1.57 -3.87 11.24
N ALA A 148 2.33 -4.97 11.34
CA ALA A 148 2.00 -6.14 10.54
C ALA A 148 0.57 -6.62 10.81
N ALA A 149 0.11 -6.55 12.06
CA ALA A 149 -1.23 -7.05 12.37
C ALA A 149 -2.29 -6.26 11.61
N GLN A 150 -2.10 -4.95 11.47
CA GLN A 150 -3.05 -4.16 10.70
C GLN A 150 -3.03 -4.55 9.22
N ILE A 151 -1.85 -4.87 8.69
CA ILE A 151 -1.80 -5.29 7.29
C ILE A 151 -2.50 -6.65 7.13
N VAL A 152 -2.33 -7.55 8.10
CA VAL A 152 -3.00 -8.85 8.02
C VAL A 152 -4.51 -8.67 7.95
N LEU A 153 -5.06 -7.88 8.86
CA LEU A 153 -6.50 -7.64 8.85
C LEU A 153 -6.94 -6.95 7.57
N THR A 154 -6.13 -6.01 7.07
CA THR A 154 -6.52 -5.32 5.84
C THR A 154 -6.55 -6.26 4.65
N PHE A 155 -5.58 -7.17 4.56
CA PHE A 155 -5.55 -8.09 3.42
C PHE A 155 -6.69 -9.10 3.51
N GLU A 156 -7.02 -9.54 4.73
CA GLU A 156 -8.20 -10.39 4.92
C GLU A 156 -9.46 -9.69 4.39
N TYR A 157 -9.63 -8.41 4.72
CA TYR A 157 -10.72 -7.63 4.18
C TYR A 157 -10.67 -7.55 2.66
N LEU A 158 -9.55 -7.05 2.12
CA LEU A 158 -9.47 -6.83 0.66
C LEU A 158 -9.63 -8.12 -0.12
N HIS A 159 -8.97 -9.20 0.30
CA HIS A 159 -9.05 -10.47 -0.42
C HIS A 159 -10.45 -11.04 -0.40
N SER A 160 -11.23 -10.78 0.65
CA SER A 160 -12.61 -11.26 0.65
C SER A 160 -13.44 -10.59 -0.42
N LEU A 161 -12.98 -9.44 -0.93
CA LEU A 161 -13.66 -8.70 -1.99
C LEU A 161 -13.10 -9.02 -3.36
N ASP A 162 -12.26 -10.06 -3.46
CA ASP A 162 -11.59 -10.47 -4.68
C ASP A 162 -10.62 -9.40 -5.17
N LEU A 163 -10.10 -8.61 -4.24
CA LEU A 163 -9.11 -7.59 -4.57
C LEU A 163 -7.71 -8.10 -4.27
N ILE A 164 -6.77 -7.80 -5.17
CA ILE A 164 -5.34 -7.95 -4.88
C ILE A 164 -4.74 -6.56 -4.79
N TYR A 165 -3.90 -6.33 -3.78
CA TYR A 165 -3.38 -5.00 -3.55
C TYR A 165 -2.18 -4.70 -4.44
N ARG A 166 -1.18 -5.59 -4.43
CA ARG A 166 -0.07 -5.63 -5.38
C ARG A 166 0.98 -4.54 -5.23
N ASP A 167 0.96 -3.73 -4.17
CA ASP A 167 2.04 -2.76 -4.01
C ASP A 167 2.32 -2.49 -2.54
N LEU A 168 2.19 -3.52 -1.71
CA LEU A 168 2.56 -3.39 -0.31
C LEU A 168 4.05 -3.07 -0.19
N LYS A 169 4.36 -1.98 0.52
CA LYS A 169 5.73 -1.62 0.88
C LYS A 169 5.64 -0.45 1.87
N PRO A 170 6.72 -0.17 2.61
CA PRO A 170 6.67 0.96 3.54
C PRO A 170 6.27 2.27 2.90
N GLU A 171 6.68 2.51 1.65
CA GLU A 171 6.31 3.76 0.98
C GLU A 171 4.81 3.98 0.90
N ASN A 172 4.01 2.92 0.96
CA ASN A 172 2.58 3.04 0.75
C ASN A 172 1.79 2.98 2.04
N LEU A 173 2.46 3.02 3.19
CA LEU A 173 1.82 2.99 4.48
C LEU A 173 2.01 4.33 5.19
N LEU A 174 0.92 4.93 5.63
CA LEU A 174 0.96 6.20 6.33
C LEU A 174 0.58 5.99 7.80
N ILE A 175 0.99 6.95 8.64
CA ILE A 175 0.73 6.91 10.07
C ILE A 175 -0.32 7.98 10.38
N ASP A 176 -1.38 7.59 11.09
CA ASP A 176 -2.43 8.55 11.39
C ASP A 176 -2.19 9.19 12.76
N GLN A 177 -3.12 10.04 13.17
CA GLN A 177 -2.92 10.81 14.40
C GLN A 177 -2.79 9.90 15.64
N GLN A 178 -3.39 8.72 15.59
CA GLN A 178 -3.35 7.76 16.69
C GLN A 178 -2.15 6.83 16.61
N GLY A 179 -1.29 6.98 15.61
CA GLY A 179 -0.20 6.04 15.44
C GLY A 179 -0.54 4.76 14.72
N TYR A 180 -1.76 4.63 14.19
CA TYR A 180 -2.14 3.45 13.41
C TYR A 180 -1.85 3.66 11.93
N ILE A 181 -1.86 2.54 11.19
CA ILE A 181 -1.47 2.47 9.78
C ILE A 181 -2.66 2.83 8.90
N LYS A 182 -2.39 3.52 7.79
CA LYS A 182 -3.35 3.63 6.70
C LYS A 182 -2.67 3.30 5.39
N VAL A 183 -3.21 2.32 4.68
CA VAL A 183 -2.71 1.94 3.37
C VAL A 183 -3.18 2.96 2.36
N ALA A 184 -2.24 3.60 1.71
CA ALA A 184 -2.49 4.58 0.68
C ALA A 184 -2.22 3.95 -0.69
N ASP A 185 -2.68 4.62 -1.71
CA ASP A 185 -2.33 4.28 -3.07
C ASP A 185 -2.78 2.90 -3.50
N PHE A 186 -3.89 2.90 -4.24
CA PHE A 186 -4.44 1.71 -4.85
C PHE A 186 -4.05 1.62 -6.32
N GLY A 187 -2.88 2.15 -6.68
CA GLY A 187 -2.51 2.29 -8.08
C GLY A 187 -2.38 0.97 -8.83
N PHE A 188 -2.09 -0.11 -8.12
CA PHE A 188 -2.04 -1.42 -8.75
C PHE A 188 -3.10 -2.38 -8.25
N ALA A 189 -4.05 -1.91 -7.44
CA ALA A 189 -5.08 -2.79 -6.95
C ALA A 189 -5.93 -3.28 -8.13
N LYS A 190 -6.47 -4.49 -8.00
CA LYS A 190 -7.21 -5.08 -9.10
C LYS A 190 -8.22 -6.06 -8.52
N ARG A 191 -9.43 -6.05 -9.08
CA ARG A 191 -10.45 -7.01 -8.70
C ARG A 191 -10.41 -8.18 -9.67
N VAL A 192 -9.96 -9.34 -9.20
CA VAL A 192 -9.85 -10.50 -10.07
C VAL A 192 -10.19 -11.76 -9.29
N LYS A 193 -11.03 -12.60 -9.88
CA LYS A 193 -11.21 -13.97 -9.45
C LYS A 193 -10.29 -14.84 -10.29
N GLY A 194 -9.53 -15.70 -9.63
CA GLY A 194 -8.54 -16.42 -10.40
C GLY A 194 -7.24 -15.65 -10.53
N ARG A 195 -6.64 -15.66 -11.72
CA ARG A 195 -5.24 -15.30 -11.88
C ARG A 195 -5.09 -14.07 -12.76
N THR A 196 -3.96 -13.39 -12.59
CA THR A 196 -3.66 -12.22 -13.40
C THR A 196 -2.19 -12.29 -13.78
N TRP A 197 -1.76 -11.37 -14.64
CA TRP A 197 -0.46 -11.52 -15.30
C TRP A 197 0.47 -10.33 -15.33
N TPO A 198 -0.03 -9.15 -14.98
CA TPO A 198 0.77 -7.93 -15.15
CB TPO A 198 -0.07 -6.70 -14.88
CG2 TPO A 198 0.84 -5.52 -15.23
OG1 TPO A 198 -1.22 -6.71 -15.73
P TPO A 198 -2.60 -6.75 -14.89
O1P TPO A 198 -2.64 -7.95 -13.84
O2P TPO A 198 -3.77 -6.97 -15.97
O3P TPO A 198 -2.82 -5.48 -14.17
C TPO A 198 1.99 -7.94 -14.25
O TPO A 198 1.88 -8.15 -13.04
N LEU A 199 3.16 -7.75 -14.86
CA LEU A 199 4.39 -7.52 -14.10
C LEU A 199 4.35 -6.10 -13.56
N CYS A 200 3.98 -5.95 -12.29
CA CYS A 200 3.89 -4.64 -11.67
C CYS A 200 4.16 -4.81 -10.18
N GLY A 201 4.36 -3.68 -9.52
CA GLY A 201 4.85 -3.64 -8.16
C GLY A 201 6.26 -3.13 -8.09
N THR A 202 6.90 -3.36 -6.94
CA THR A 202 8.24 -2.87 -6.69
C THR A 202 9.18 -4.05 -6.61
N PRO A 203 10.33 -4.02 -7.29
CA PRO A 203 11.16 -5.23 -7.42
C PRO A 203 11.42 -5.97 -6.13
N GLU A 204 11.87 -5.26 -5.07
CA GLU A 204 12.20 -5.91 -3.80
C GLU A 204 11.01 -6.70 -3.24
N TYR A 205 9.78 -6.33 -3.60
CA TYR A 205 8.59 -6.90 -2.99
C TYR A 205 7.88 -7.92 -3.88
N LEU A 206 8.42 -8.20 -5.06
CA LEU A 206 7.76 -9.09 -6.02
C LEU A 206 7.87 -10.55 -5.59
N ALA A 207 6.73 -11.23 -5.56
CA ALA A 207 6.71 -12.66 -5.36
C ALA A 207 7.33 -13.36 -6.57
N PRO A 208 7.91 -14.55 -6.40
CA PRO A 208 8.58 -15.20 -7.53
C PRO A 208 7.66 -15.46 -8.71
N GLU A 209 6.42 -15.85 -8.46
CA GLU A 209 5.51 -16.15 -9.56
C GLU A 209 5.15 -14.92 -10.38
N ILE A 210 5.30 -13.70 -9.83
CA ILE A 210 5.17 -12.51 -10.69
C ILE A 210 6.33 -12.44 -11.67
N ILE A 211 7.54 -12.69 -11.19
CA ILE A 211 8.73 -12.60 -12.03
C ILE A 211 8.73 -13.70 -13.09
N LEU A 212 8.25 -14.89 -12.75
CA LEU A 212 8.35 -16.05 -13.62
C LEU A 212 7.26 -16.11 -14.69
N SER A 213 6.40 -15.08 -14.82
CA SER A 213 5.39 -15.03 -15.89
C SER A 213 4.48 -16.27 -15.85
N LYS A 214 4.10 -16.66 -14.65
CA LYS A 214 3.29 -17.86 -14.44
C LYS A 214 1.80 -17.54 -14.33
N GLY A 215 1.43 -16.27 -14.23
CA GLY A 215 0.15 -15.91 -13.67
C GLY A 215 0.22 -16.02 -12.15
N TYR A 216 -0.60 -15.24 -11.45
CA TYR A 216 -0.50 -15.23 -10.00
C TYR A 216 -1.83 -14.77 -9.45
N ASN A 217 -1.98 -14.87 -8.13
CA ASN A 217 -3.23 -14.51 -7.47
C ASN A 217 -2.91 -13.74 -6.19
N LYS A 218 -3.89 -13.69 -5.30
CA LYS A 218 -3.78 -12.92 -4.07
C LYS A 218 -2.63 -13.38 -3.17
N ALA A 219 -2.13 -14.60 -3.36
CA ALA A 219 -0.99 -15.05 -2.57
C ALA A 219 0.22 -14.12 -2.71
N VAL A 220 0.32 -13.32 -3.78
CA VAL A 220 1.47 -12.44 -3.88
C VAL A 220 1.45 -11.38 -2.78
N ASP A 221 0.26 -11.01 -2.28
CA ASP A 221 0.21 -10.05 -1.18
C ASP A 221 0.77 -10.65 0.11
N TRP A 222 0.56 -11.94 0.33
CA TRP A 222 1.08 -12.55 1.54
C TRP A 222 2.60 -12.64 1.49
N TRP A 223 3.15 -12.94 0.31
CA TRP A 223 4.60 -12.84 0.12
C TRP A 223 5.11 -11.43 0.45
N ALA A 224 4.47 -10.41 -0.12
CA ALA A 224 4.90 -9.03 0.13
C ALA A 224 4.84 -8.69 1.62
N LEU A 225 3.85 -9.22 2.35
CA LEU A 225 3.85 -9.06 3.81
C LEU A 225 5.12 -9.61 4.43
N GLY A 226 5.55 -10.80 3.99
CA GLY A 226 6.83 -11.31 4.45
C GLY A 226 7.96 -10.34 4.21
N VAL A 227 8.03 -9.78 3.00
CA VAL A 227 9.09 -8.80 2.72
C VAL A 227 8.96 -7.58 3.63
N LEU A 228 7.73 -7.12 3.88
CA LEU A 228 7.53 -5.92 4.70
C LEU A 228 7.99 -6.16 6.15
N ILE A 229 7.50 -7.24 6.76
CA ILE A 229 7.89 -7.57 8.14
C ILE A 229 9.41 -7.70 8.25
N TYR A 230 10.03 -8.36 7.28
CA TYR A 230 11.47 -8.50 7.28
C TYR A 230 12.15 -7.13 7.25
N GLU A 231 11.67 -6.23 6.37
CA GLU A 231 12.32 -4.92 6.25
C GLU A 231 12.09 -4.08 7.48
N MET A 232 10.88 -4.10 8.06
CA MET A 232 10.65 -3.38 9.31
C MET A 232 11.55 -3.87 10.43
N ALA A 233 11.73 -5.18 10.55
CA ALA A 233 12.47 -5.75 11.68
C ALA A 233 13.97 -5.75 11.47
N ALA A 234 14.43 -5.76 10.22
CA ALA A 234 15.85 -5.79 9.91
C ALA A 234 16.42 -4.43 9.57
N GLY A 235 15.63 -3.55 8.96
CA GLY A 235 16.10 -2.26 8.49
C GLY A 235 16.48 -2.24 7.03
N TYR A 236 16.46 -3.41 6.38
CA TYR A 236 16.73 -3.56 4.96
C TYR A 236 15.88 -4.72 4.47
N PRO A 237 15.55 -4.76 3.18
CA PRO A 237 14.72 -5.85 2.65
C PRO A 237 15.50 -7.14 2.51
N PRO A 238 14.80 -8.28 2.43
CA PRO A 238 15.50 -9.58 2.36
C PRO A 238 16.24 -9.80 1.05
N PHE A 239 15.84 -9.14 -0.04
CA PHE A 239 16.50 -9.26 -1.32
C PHE A 239 16.76 -7.85 -1.81
N PHE A 240 18.02 -7.46 -1.84
CA PHE A 240 18.36 -6.14 -2.37
C PHE A 240 19.64 -6.29 -3.17
N ALA A 241 19.81 -5.40 -4.14
CA ALA A 241 20.97 -5.35 -5.01
C ALA A 241 20.91 -4.01 -5.71
N ASP A 242 21.95 -3.70 -6.48
CA ASP A 242 21.96 -2.38 -7.09
C ASP A 242 21.01 -2.29 -8.28
N GLN A 243 20.75 -3.40 -8.95
CA GLN A 243 19.88 -3.38 -10.12
C GLN A 243 18.73 -4.37 -9.98
N PRO A 244 17.54 -4.01 -10.48
CA PRO A 244 16.37 -4.90 -10.34
C PRO A 244 16.60 -6.32 -10.80
N ILE A 245 17.37 -6.54 -11.86
CA ILE A 245 17.53 -7.90 -12.37
C ILE A 245 18.31 -8.78 -11.40
N GLN A 246 19.22 -8.19 -10.62
CA GLN A 246 19.91 -8.95 -9.59
C GLN A 246 18.99 -9.22 -8.40
N ILE A 247 18.06 -8.31 -8.13
CA ILE A 247 17.05 -8.57 -7.10
C ILE A 247 16.20 -9.76 -7.50
N TYR A 248 15.74 -9.78 -8.76
CA TYR A 248 14.89 -10.86 -9.25
C TYR A 248 15.58 -12.21 -9.09
N GLU A 249 16.89 -12.27 -9.35
CA GLU A 249 17.62 -13.52 -9.22
C GLU A 249 17.60 -14.04 -7.79
N LYS A 250 17.77 -13.14 -6.81
CA LYS A 250 17.74 -13.59 -5.42
C LYS A 250 16.35 -14.05 -5.02
N ILE A 251 15.32 -13.38 -5.53
CA ILE A 251 13.94 -13.75 -5.18
C ILE A 251 13.63 -15.17 -5.65
N VAL A 252 13.95 -15.48 -6.90
CA VAL A 252 13.63 -16.81 -7.42
C VAL A 252 14.53 -17.88 -6.82
N SER A 253 15.73 -17.50 -6.35
CA SER A 253 16.62 -18.48 -5.74
C SER A 253 15.96 -19.18 -4.56
N GLY A 254 15.16 -18.44 -3.79
CA GLY A 254 14.53 -19.02 -2.62
C GLY A 254 15.46 -19.17 -1.43
N LYS A 255 16.33 -18.19 -1.20
CA LYS A 255 17.28 -18.21 -0.09
C LYS A 255 17.18 -16.90 0.66
N VAL A 256 16.81 -16.97 1.93
CA VAL A 256 16.73 -15.79 2.80
C VAL A 256 17.71 -15.98 3.96
N ARG A 257 18.55 -14.98 4.20
CA ARG A 257 19.38 -14.92 5.39
C ARG A 257 18.74 -13.96 6.40
N PHE A 258 18.63 -14.39 7.63
CA PHE A 258 18.04 -13.58 8.68
C PHE A 258 19.12 -13.01 9.59
N PRO A 259 18.95 -11.77 10.04
CA PRO A 259 19.87 -11.22 11.05
C PRO A 259 19.84 -12.07 12.31
N SER A 260 20.97 -12.11 13.01
CA SER A 260 21.04 -12.94 14.22
C SER A 260 20.09 -12.46 15.32
N HIS A 261 19.65 -11.20 15.28
CA HIS A 261 18.73 -10.74 16.33
C HIS A 261 17.28 -11.12 16.09
N PHE A 262 16.94 -11.70 14.93
CA PHE A 262 15.58 -12.17 14.67
C PHE A 262 15.24 -13.32 15.60
N SER A 263 14.06 -13.26 16.21
CA SER A 263 13.59 -14.38 17.01
C SER A 263 13.28 -15.58 16.13
N SER A 264 13.26 -16.76 16.76
CA SER A 264 12.90 -17.99 16.07
C SER A 264 11.49 -17.92 15.51
N ASP A 265 10.55 -17.36 16.29
CA ASP A 265 9.18 -17.20 15.79
C ASP A 265 9.14 -16.32 14.55
N LEU A 266 9.91 -15.23 14.54
CA LEU A 266 9.90 -14.35 13.37
C LEU A 266 10.49 -15.06 12.17
N LYS A 267 11.62 -15.75 12.35
CA LYS A 267 12.21 -16.48 11.23
C LYS A 267 11.25 -17.52 10.71
N ASP A 268 10.56 -18.22 11.61
CA ASP A 268 9.63 -19.26 11.17
C ASP A 268 8.47 -18.66 10.38
N LEU A 269 7.85 -17.57 10.90
CA LEU A 269 6.78 -16.94 10.15
C LEU A 269 7.26 -16.50 8.77
N LEU A 270 8.46 -15.91 8.70
CA LEU A 270 8.96 -15.37 7.45
C LEU A 270 9.30 -16.47 6.45
N ARG A 271 9.80 -17.62 6.92
CA ARG A 271 10.02 -18.74 6.00
C ARG A 271 8.71 -19.21 5.39
N ASN A 272 7.60 -19.08 6.12
CA ASN A 272 6.29 -19.50 5.62
C ASN A 272 5.61 -18.44 4.76
N LEU A 273 5.94 -17.17 4.94
CA LEU A 273 5.46 -16.14 4.02
C LEU A 273 6.35 -16.03 2.79
N LEU A 274 7.67 -16.05 2.97
CA LEU A 274 8.61 -15.98 1.86
C LEU A 274 8.83 -17.37 1.30
N GLN A 275 7.72 -18.07 1.05
CA GLN A 275 7.70 -19.45 0.60
C GLN A 275 7.49 -19.45 -0.91
N VAL A 276 8.47 -19.94 -1.66
CA VAL A 276 8.36 -19.97 -3.12
C VAL A 276 7.24 -20.89 -3.57
N ASP A 277 6.97 -21.95 -2.83
CA ASP A 277 5.94 -22.92 -3.18
C ASP A 277 4.57 -22.41 -2.74
N LEU A 278 3.69 -22.14 -3.72
CA LEU A 278 2.36 -21.59 -3.44
C LEU A 278 1.52 -22.52 -2.59
N THR A 279 1.67 -23.82 -2.75
CA THR A 279 0.90 -24.77 -1.96
C THR A 279 1.34 -24.82 -0.51
N LYS A 280 2.43 -24.12 -0.17
CA LYS A 280 2.93 -24.08 1.19
C LYS A 280 2.92 -22.67 1.80
N ARG A 281 2.67 -21.62 1.03
CA ARG A 281 2.79 -20.26 1.55
C ARG A 281 1.63 -19.94 2.49
N PHE A 282 1.96 -19.41 3.67
CA PHE A 282 0.93 -19.01 4.61
C PHE A 282 0.04 -17.95 3.99
N GLY A 283 -1.25 -18.01 4.33
CA GLY A 283 -2.25 -17.21 3.69
C GLY A 283 -2.89 -17.87 2.48
N ASN A 284 -2.23 -18.88 1.92
CA ASN A 284 -2.70 -19.55 0.72
C ASN A 284 -3.12 -20.99 0.98
N LEU A 285 -3.21 -21.41 2.24
CA LEU A 285 -3.53 -22.78 2.59
C LEU A 285 -5.01 -22.87 2.98
N LYS A 286 -5.42 -24.07 3.40
CA LYS A 286 -6.83 -24.32 3.68
C LYS A 286 -7.36 -23.41 4.78
N ASN A 287 -6.54 -23.16 5.82
CA ASN A 287 -6.95 -22.27 6.90
C ASN A 287 -6.82 -20.80 6.57
N GLY A 288 -6.32 -20.45 5.39
CA GLY A 288 -6.33 -19.06 4.96
C GLY A 288 -5.51 -18.19 5.88
N VAL A 289 -6.08 -17.03 6.24
CA VAL A 289 -5.36 -16.06 7.04
C VAL A 289 -5.15 -16.55 8.47
N ASN A 290 -5.91 -17.56 8.92
CA ASN A 290 -5.78 -18.02 10.29
C ASN A 290 -4.44 -18.66 10.58
N ASP A 291 -3.76 -19.20 9.57
CA ASP A 291 -2.39 -19.70 9.78
C ASP A 291 -1.46 -18.56 10.17
N ILE A 292 -1.70 -17.37 9.65
CA ILE A 292 -0.91 -16.22 10.04
C ILE A 292 -1.33 -15.73 11.42
N LYS A 293 -2.63 -15.54 11.63
CA LYS A 293 -3.09 -14.94 12.89
C LYS A 293 -2.77 -15.83 14.09
N ASN A 294 -2.76 -17.13 13.90
CA ASN A 294 -2.49 -18.08 14.97
C ASN A 294 -1.02 -18.45 15.07
N HIS A 295 -0.16 -17.83 14.27
CA HIS A 295 1.26 -18.13 14.38
C HIS A 295 1.80 -17.58 15.69
N LYS A 296 2.83 -18.26 16.21
CA LYS A 296 3.35 -17.92 17.53
C LYS A 296 3.92 -16.51 17.58
N TRP A 297 4.42 -15.96 16.46
CA TRP A 297 4.90 -14.59 16.49
C TRP A 297 3.78 -13.61 16.83
N PHE A 298 2.53 -13.97 16.56
CA PHE A 298 1.40 -13.11 16.87
C PHE A 298 0.70 -13.49 18.18
N ALA A 299 1.36 -14.29 19.03
CA ALA A 299 0.72 -14.78 20.26
C ALA A 299 0.21 -13.64 21.13
N THR A 300 0.94 -12.52 21.20
CA THR A 300 0.53 -11.38 22.02
C THR A 300 -0.50 -10.49 21.35
N THR A 301 -0.91 -10.79 20.13
CA THR A 301 -1.81 -9.90 19.39
C THR A 301 -3.26 -10.23 19.70
N ASP A 302 -3.98 -9.22 20.21
CA ASP A 302 -5.43 -9.28 20.35
C ASP A 302 -6.00 -8.71 19.05
N TRP A 303 -6.51 -9.59 18.19
CA TRP A 303 -6.84 -9.14 16.82
C TRP A 303 -8.04 -8.18 16.82
N ILE A 304 -9.01 -8.42 17.70
CA ILE A 304 -10.16 -7.52 17.82
C ILE A 304 -9.72 -6.16 18.36
N ALA A 305 -8.88 -6.16 19.39
CA ALA A 305 -8.36 -4.91 19.94
C ALA A 305 -7.63 -4.08 18.88
N ILE A 306 -6.88 -4.74 17.99
CA ILE A 306 -6.20 -4.02 16.91
C ILE A 306 -7.22 -3.39 15.96
N TYR A 307 -8.23 -4.16 15.56
CA TYR A 307 -9.26 -3.65 14.67
C TYR A 307 -9.98 -2.45 15.30
N GLN A 308 -10.22 -2.51 16.60
CA GLN A 308 -10.93 -1.44 17.28
C GLN A 308 -10.03 -0.27 17.67
N ARG A 309 -8.71 -0.38 17.44
CA ARG A 309 -7.74 0.67 17.77
C ARG A 309 -7.63 0.90 19.27
N LYS A 310 -7.73 -0.17 20.05
CA LYS A 310 -7.61 -0.07 21.50
C LYS A 310 -6.22 -0.42 22.01
N VAL A 311 -5.30 -0.75 21.13
CA VAL A 311 -3.94 -1.11 21.52
C VAL A 311 -3.09 0.14 21.52
N GLU A 312 -2.20 0.27 22.51
CA GLU A 312 -1.28 1.39 22.55
C GLU A 312 -0.34 1.34 21.36
N ALA A 313 -0.18 2.49 20.69
CA ALA A 313 0.65 2.53 19.49
C ALA A 313 2.12 2.70 19.87
N PRO A 314 3.03 2.20 19.01
CA PRO A 314 4.47 2.39 19.28
C PRO A 314 4.88 3.84 19.40
N PHE A 315 4.30 4.72 18.58
CA PHE A 315 4.59 6.14 18.73
C PHE A 315 3.43 6.94 18.20
N ILE A 316 3.20 8.09 18.83
CA ILE A 316 2.17 9.03 18.44
C ILE A 316 2.84 10.19 17.73
N PRO A 317 2.37 10.61 16.56
CA PRO A 317 2.89 11.83 15.94
C PRO A 317 2.51 13.07 16.74
N LYS A 318 3.25 14.16 16.50
CA LYS A 318 2.96 15.45 17.11
C LYS A 318 2.71 16.47 16.00
N PHE A 319 1.45 16.84 15.78
CA PHE A 319 1.17 17.94 14.87
C PHE A 319 1.56 19.26 15.53
N LYS A 320 2.05 20.20 14.71
CA LYS A 320 2.45 21.52 15.20
C LYS A 320 1.23 22.35 15.58
N SER A 326 6.30 18.87 11.84
CA SER A 326 6.76 18.90 10.46
C SER A 326 8.24 18.54 10.34
N ASN A 327 8.56 17.28 10.67
CA ASN A 327 9.77 16.64 10.17
C ASN A 327 9.46 15.77 8.96
N PHE A 328 8.58 16.27 8.11
CA PHE A 328 8.26 15.67 6.83
C PHE A 328 9.15 16.25 5.74
N ASP A 329 9.19 15.58 4.60
CA ASP A 329 10.06 16.02 3.53
C ASP A 329 9.48 17.23 2.82
N ASP A 330 10.36 18.14 2.42
CA ASP A 330 9.97 19.37 1.76
C ASP A 330 10.11 19.24 0.25
N TYR A 331 9.15 19.81 -0.48
CA TYR A 331 9.16 19.79 -1.93
C TYR A 331 8.96 21.19 -2.44
N GLU A 332 9.45 21.47 -3.64
CA GLU A 332 9.24 22.79 -4.21
C GLU A 332 7.79 22.94 -4.62
N GLU A 333 7.21 24.10 -4.34
CA GLU A 333 5.83 24.34 -4.72
C GLU A 333 5.80 24.82 -6.16
N GLU A 334 5.03 24.13 -6.98
CA GLU A 334 4.86 24.48 -8.39
C GLU A 334 3.37 24.64 -8.68
N GLU A 335 3.05 25.42 -9.70
CA GLU A 335 1.66 25.61 -10.07
C GLU A 335 1.09 24.31 -10.63
N ILE A 336 -0.21 24.13 -10.43
CA ILE A 336 -0.95 23.05 -11.08
C ILE A 336 -1.37 23.56 -12.46
N ARG A 337 -0.74 23.05 -13.52
CA ARG A 337 -1.03 23.54 -14.86
C ARG A 337 -2.26 22.84 -15.41
N VAL A 338 -3.20 23.64 -15.91
CA VAL A 338 -4.42 23.14 -16.51
C VAL A 338 -4.53 23.69 -17.92
N SEP A 339 -4.35 22.81 -18.91
CA SEP A 339 -4.41 23.21 -20.31
CB SEP A 339 -4.04 22.00 -21.19
OG SEP A 339 -4.33 22.24 -22.56
C SEP A 339 -5.77 23.77 -20.71
O SEP A 339 -6.79 23.44 -20.11
P SEP A 339 -3.06 22.93 -23.30
O1P SEP A 339 -1.66 22.28 -22.92
O2P SEP A 339 -3.33 22.78 -24.87
O3P SEP A 339 -3.04 24.48 -22.88
N ILE A 340 -5.79 24.62 -21.73
CA ILE A 340 -7.07 25.13 -22.25
C ILE A 340 -7.80 24.08 -23.09
N ASN A 341 -7.10 23.02 -23.49
CA ASN A 341 -7.68 21.95 -24.31
C ASN A 341 -7.79 20.66 -23.49
N GLU A 342 -8.94 19.98 -23.58
CA GLU A 342 -9.11 18.71 -22.88
C GLU A 342 -8.16 17.65 -23.44
N LYS A 343 -7.50 16.93 -22.54
CA LYS A 343 -6.58 15.88 -22.90
C LYS A 343 -7.16 14.53 -22.52
N CYS A 344 -7.00 13.55 -23.42
CA CYS A 344 -7.26 12.15 -23.11
C CYS A 344 -8.68 11.91 -22.58
N GLY A 345 -9.65 12.66 -23.10
CA GLY A 345 -11.00 12.56 -22.58
C GLY A 345 -11.58 11.17 -22.69
N LYS A 346 -11.39 10.53 -23.85
CA LYS A 346 -11.94 9.21 -24.10
C LYS A 346 -11.35 8.17 -23.15
N GLU A 347 -10.04 8.23 -22.93
CA GLU A 347 -9.40 7.20 -22.11
C GLU A 347 -9.90 7.22 -20.67
N PHE A 348 -10.32 8.39 -20.17
CA PHE A 348 -10.67 8.54 -18.77
C PHE A 348 -12.13 8.89 -18.54
N SER A 349 -13.01 8.51 -19.48
CA SER A 349 -14.41 8.94 -19.36
C SER A 349 -15.09 8.38 -18.13
N GLU A 350 -14.72 7.17 -17.69
CA GLU A 350 -15.39 6.60 -16.52
C GLU A 350 -14.80 7.09 -15.20
N PHE A 351 -13.66 7.77 -15.23
CA PHE A 351 -13.06 8.31 -14.01
C PHE A 351 -13.98 9.39 -13.45
N THR B 1 29.02 -5.08 7.04
CA THR B 1 27.73 -5.55 7.53
C THR B 1 26.65 -5.47 6.43
N THR B 2 25.63 -6.32 6.52
CA THR B 2 24.54 -6.23 5.54
C THR B 2 23.91 -4.85 5.53
N TYR B 3 23.73 -4.24 6.70
CA TYR B 3 23.14 -2.91 6.77
C TYR B 3 23.99 -1.88 6.03
N ALA B 4 25.32 -1.91 6.24
CA ALA B 4 26.20 -1.00 5.54
C ALA B 4 26.10 -1.20 4.02
N ASP B 5 26.01 -2.45 3.57
CA ASP B 5 25.89 -2.70 2.14
C ASP B 5 24.59 -2.13 1.59
N PHE B 6 23.50 -2.26 2.34
CA PHE B 6 22.23 -1.65 1.94
C PHE B 6 22.34 -0.13 1.89
N ILE B 7 22.84 0.48 2.95
CA ILE B 7 22.94 1.94 2.99
C ILE B 7 23.84 2.45 1.86
N ALA B 8 24.79 1.64 1.42
CA ALA B 8 25.65 2.06 0.31
C ALA B 8 25.04 1.78 -1.06
N SER B 9 23.88 1.11 -1.11
CA SER B 9 23.24 0.82 -2.38
C SER B 9 22.46 2.03 -2.88
N GLY B 10 22.08 1.97 -4.15
CA GLY B 10 21.24 3.01 -4.68
C GLY B 10 19.76 2.88 -4.42
N ARG B 11 19.33 1.97 -3.55
CA ARG B 11 17.91 1.67 -3.41
C ARG B 11 17.41 1.86 -1.98
N THR B 12 17.90 2.91 -1.28
CA THR B 12 17.41 3.25 0.06
C THR B 12 16.37 4.36 0.07
N GLY B 13 16.17 5.06 -1.04
CA GLY B 13 15.13 6.05 -1.13
C GLY B 13 13.80 5.43 -1.51
N ARG B 14 12.78 6.28 -1.65
CA ARG B 14 11.47 5.81 -2.06
C ARG B 14 11.59 5.06 -3.38
N ARG B 15 11.02 3.86 -3.44
CA ARG B 15 11.26 2.96 -4.56
C ARG B 15 10.14 3.08 -5.58
N ASN B 16 10.52 3.35 -6.82
CA ASN B 16 9.54 3.36 -7.91
C ASN B 16 9.02 1.95 -8.16
N ALA B 17 7.72 1.84 -8.34
CA ALA B 17 7.16 0.57 -8.77
C ALA B 17 7.34 0.45 -10.27
N ILE B 18 7.66 -0.74 -10.73
CA ILE B 18 7.68 -0.95 -12.17
C ILE B 18 6.25 -1.07 -12.63
N HIS B 19 5.91 -0.34 -13.68
CA HIS B 19 4.62 -0.50 -14.33
C HIS B 19 4.78 -1.54 -15.43
N ASP B 20 5.73 -1.29 -16.34
CA ASP B 20 6.36 -2.31 -17.19
C ASP B 20 7.43 -1.66 -18.07
C4 E3Z C . -0.77 10.85 1.63
C5 E3Z C . -2.13 10.60 1.80
C6 E3Z C . -2.74 10.97 2.99
N1 E3Z C . -1.96 11.59 3.96
N3 E3Z C . -0.08 11.44 2.63
CAA E3Z C . 1.64 13.75 5.87
CAB E3Z C . 2.94 14.27 5.97
CAC E3Z C . 3.91 13.89 5.05
CAD E3Z C . 3.57 13.00 4.03
CAE E3Z C . 2.27 12.50 3.93
CAF E3Z C . 1.28 12.87 4.85
NAG E3Z C . -0.01 12.41 4.83
C2 E3Z C . -0.66 11.82 3.79
CL5 E3Z C . -3.08 9.82 0.59
NAO E3Z C . -0.23 10.45 0.45
CAP E3Z C . 1.10 10.52 0.22
CAU E3Z C . 1.78 9.39 -0.28
CAQ E3Z C . 1.83 11.69 0.46
CAR E3Z C . 3.21 11.72 0.21
CAS E3Z C . 3.85 10.59 -0.28
CAT E3Z C . 3.15 9.41 -0.57
NAV E3Z C . 3.71 8.24 -1.00
CAW E3Z C . 4.82 8.04 -1.77
OAX E3Z C . 5.24 6.91 -2.06
CAY E3Z C . 5.58 9.22 -2.38
CAZ E3Z C . 6.76 8.81 -3.27
#